data_8AF2
#
_entry.id   8AF2
#
_cell.length_a   34.512
_cell.length_b   50.523
_cell.length_c   62.211
_cell.angle_alpha   90.000
_cell.angle_beta   90.732
_cell.angle_gamma   90.000
#
_symmetry.space_group_name_H-M   'P 1 21 1'
#
loop_
_entity.id
_entity.type
_entity.pdbx_description
1 polymer 'Enoyl-CoA hydratase 2'
2 non-polymer 'FRAGMENT OF TRITON X-100'
3 non-polymer 'SULFATE ION'
4 non-polymer 'COPPER (II) ION'
5 water water
#
_entity_poly.entity_id   1
_entity_poly.type   'polypeptide(L)'
_entity_poly.pdbx_seq_one_letter_code
;MEGGKLQSTFVFEEIGRRLKDIGPEVVKKVNAVFEWHITKGGNIGAKWTIDLKSGSGKVYQGPAKGAADTTIILSDEDFM
EVVLGKLDPQKAFFSGRLKARGNIMLSQKL(BP5)MILKDYAKLGSENLYFQ
;
_entity_poly.pdbx_strand_id   A,B
#
loop_
_chem_comp.id
_chem_comp.type
_chem_comp.name
_chem_comp.formula
CU non-polymer 'COPPER (II) ION' 'Cu 2'
SO4 non-polymer 'SULFATE ION' 'O4 S -2'
TRT non-polymer 'FRAGMENT OF TRITON X-100' 'C21 H36 O4'
#
# COMPACT_ATOMS: atom_id res chain seq x y z
N LYS A 5 -21.65 16.52 -9.42
CA LYS A 5 -20.43 16.54 -10.24
C LYS A 5 -19.20 16.13 -9.43
N LEU A 6 -19.36 15.28 -8.42
CA LEU A 6 -18.30 15.05 -7.45
C LEU A 6 -17.62 13.71 -7.68
N GLN A 7 -16.30 13.76 -7.80
CA GLN A 7 -15.47 12.57 -7.95
C GLN A 7 -15.10 11.96 -6.59
N SER A 8 -15.05 12.78 -5.53
CA SER A 8 -14.74 12.25 -4.21
C SER A 8 -15.77 11.21 -3.77
N THR A 9 -17.01 11.38 -4.21
CA THR A 9 -18.05 10.43 -3.83
C THR A 9 -17.63 9.00 -4.14
N PHE A 10 -16.97 8.78 -5.28
CA PHE A 10 -16.46 7.46 -5.58
C PHE A 10 -15.46 7.00 -4.53
N VAL A 11 -14.61 7.91 -4.06
CA VAL A 11 -13.58 7.54 -3.08
C VAL A 11 -14.23 7.18 -1.76
N PHE A 12 -15.16 8.01 -1.28
CA PHE A 12 -15.80 7.74 -0.01
C PHE A 12 -16.61 6.45 -0.06
N GLU A 13 -17.35 6.22 -1.14
CA GLU A 13 -18.08 4.97 -1.28
C GLU A 13 -17.14 3.78 -1.26
N GLU A 14 -16.07 3.84 -2.05
CA GLU A 14 -15.10 2.74 -2.07
C GLU A 14 -14.44 2.56 -0.71
N ILE A 15 -14.36 3.62 0.08
CA ILE A 15 -13.73 3.51 1.39
C ILE A 15 -14.55 2.61 2.31
N GLY A 16 -15.87 2.70 2.23
CA GLY A 16 -16.72 1.86 3.07
C GLY A 16 -16.40 0.39 2.92
N ARG A 17 -16.07 -0.05 1.70
CA ARG A 17 -15.72 -1.45 1.49
C ARG A 17 -14.29 -1.75 1.90
N ARG A 18 -13.38 -0.79 1.70
CA ARG A 18 -12.00 -1.00 2.13
C ARG A 18 -11.93 -1.31 3.61
N LEU A 19 -12.78 -0.66 4.41
CA LEU A 19 -12.76 -0.85 5.86
C LEU A 19 -13.09 -2.28 6.26
N LYS A 20 -13.51 -3.12 5.33
CA LYS A 20 -13.68 -4.54 5.64
C LYS A 20 -12.34 -5.26 5.65
N ASP A 21 -11.38 -4.78 4.87
CA ASP A 21 -10.03 -5.30 4.91
C ASP A 21 -9.13 -4.58 5.90
N ILE A 22 -9.56 -3.41 6.39
CA ILE A 22 -8.65 -2.52 7.11
C ILE A 22 -9.30 -1.90 8.35
N GLY A 23 -10.63 -1.92 8.40
CA GLY A 23 -11.37 -1.19 9.41
C GLY A 23 -10.91 -1.42 10.84
N PRO A 24 -11.07 -2.65 11.34
CA PRO A 24 -10.78 -2.90 12.75
C PRO A 24 -9.40 -2.46 13.19
N GLU A 25 -8.39 -2.55 12.32
CA GLU A 25 -7.04 -2.13 12.70
C GLU A 25 -6.91 -0.61 12.70
N VAL A 26 -7.59 0.08 11.78
CA VAL A 26 -7.55 1.53 11.77
C VAL A 26 -8.23 2.08 13.02
N VAL A 27 -9.41 1.55 13.35
CA VAL A 27 -10.13 2.00 14.54
C VAL A 27 -9.23 1.92 15.76
N LYS A 28 -8.46 0.83 15.87
CA LYS A 28 -7.61 0.62 17.04
C LYS A 28 -6.54 1.69 17.15
N LYS A 29 -6.01 2.15 16.01
CA LYS A 29 -4.91 3.10 16.02
C LYS A 29 -5.36 4.56 15.96
N VAL A 30 -6.55 4.84 15.45
CA VAL A 30 -7.01 6.22 15.29
C VAL A 30 -8.00 6.57 16.38
N ASN A 31 -9.14 5.89 16.42
CA ASN A 31 -10.15 6.09 17.47
C ASN A 31 -10.67 7.52 17.46
N ALA A 32 -11.30 7.90 16.35
CA ALA A 32 -11.82 9.25 16.25
C ALA A 32 -12.77 9.34 15.07
N VAL A 33 -13.56 10.40 15.07
CA VAL A 33 -14.49 10.70 13.98
C VAL A 33 -13.88 11.80 13.12
N PHE A 34 -14.08 11.70 11.81
CA PHE A 34 -13.55 12.67 10.86
C PHE A 34 -14.67 13.13 9.95
N GLU A 35 -14.94 14.43 9.95
CA GLU A 35 -15.89 15.04 9.04
C GLU A 35 -15.14 15.66 7.88
N TRP A 36 -15.75 15.60 6.69
CA TRP A 36 -15.12 16.09 5.47
C TRP A 36 -16.13 16.96 4.73
N HIS A 37 -15.73 18.20 4.44
CA HIS A 37 -16.53 19.13 3.63
C HIS A 37 -15.86 19.25 2.26
N ILE A 38 -16.53 18.73 1.24
CA ILE A 38 -16.03 18.79 -0.13
C ILE A 38 -16.72 19.96 -0.83
N THR A 39 -15.92 20.83 -1.43
CA THR A 39 -16.42 22.07 -2.02
C THR A 39 -16.26 22.03 -3.53
N LYS A 40 -17.32 22.42 -4.22
CA LYS A 40 -17.30 22.63 -5.67
C LYS A 40 -17.51 24.12 -5.92
N GLY A 41 -16.59 24.73 -6.65
CA GLY A 41 -16.55 26.17 -6.67
C GLY A 41 -16.04 26.63 -5.32
N GLY A 42 -16.80 27.51 -4.68
CA GLY A 42 -16.51 27.89 -3.31
C GLY A 42 -17.69 27.59 -2.42
N ASN A 43 -18.38 26.48 -2.71
CA ASN A 43 -19.59 26.10 -2.02
C ASN A 43 -19.53 24.62 -1.69
N ILE A 44 -20.08 24.25 -0.54
CA ILE A 44 -20.04 22.85 -0.12
C ILE A 44 -20.92 22.04 -1.04
N GLY A 45 -20.39 20.90 -1.50
CA GLY A 45 -21.11 20.04 -2.42
C GLY A 45 -21.50 18.73 -1.76
N ALA A 46 -20.70 18.31 -0.79
CA ALA A 46 -20.95 17.05 -0.10
C ALA A 46 -20.28 17.10 1.26
N LYS A 47 -20.89 16.41 2.21
CA LYS A 47 -20.32 16.22 3.54
C LYS A 47 -20.24 14.73 3.83
N TRP A 48 -19.13 14.33 4.45
CA TRP A 48 -18.86 12.92 4.71
C TRP A 48 -18.31 12.78 6.11
N THR A 49 -18.62 11.66 6.74
CA THR A 49 -18.10 11.32 8.06
C THR A 49 -17.48 9.94 7.99
N ILE A 50 -16.27 9.82 8.54
CA ILE A 50 -15.58 8.54 8.63
C ILE A 50 -15.42 8.26 10.12
N ASP A 51 -16.36 7.49 10.67
CA ASP A 51 -16.31 7.14 12.08
C ASP A 51 -15.37 5.96 12.27
N LEU A 52 -14.29 6.19 13.02
CA LEU A 52 -13.29 5.16 13.30
C LEU A 52 -13.14 4.94 14.80
N LYS A 53 -14.24 5.07 15.54
CA LYS A 53 -14.21 4.96 16.99
C LYS A 53 -14.80 3.66 17.51
N SER A 54 -15.27 2.80 16.62
CA SER A 54 -15.90 1.55 17.06
C SER A 54 -15.89 0.54 15.91
N GLY A 55 -15.63 -0.71 16.25
CA GLY A 55 -15.76 -1.79 15.28
C GLY A 55 -14.82 -1.62 14.10
N SER A 56 -15.35 -1.85 12.91
CA SER A 56 -14.59 -1.73 11.68
C SER A 56 -14.66 -0.34 11.06
N GLY A 57 -15.42 0.57 11.66
CA GLY A 57 -15.54 1.92 11.15
C GLY A 57 -16.80 2.10 10.33
N LYS A 58 -17.17 3.37 10.15
CA LYS A 58 -18.37 3.71 9.41
C LYS A 58 -18.09 4.91 8.53
N VAL A 59 -18.72 4.92 7.36
CA VAL A 59 -18.69 6.05 6.45
C VAL A 59 -20.12 6.32 6.01
N TYR A 60 -20.58 7.55 6.22
CA TYR A 60 -21.94 7.91 5.86
C TYR A 60 -21.97 9.34 5.37
N GLN A 61 -22.93 9.63 4.50
CA GLN A 61 -23.11 10.99 4.00
C GLN A 61 -23.67 11.89 5.10
N GLY A 62 -23.34 13.18 5.00
CA GLY A 62 -23.86 14.15 5.91
C GLY A 62 -22.90 14.46 7.05
N PRO A 63 -23.21 15.49 7.83
CA PRO A 63 -22.33 15.85 8.95
C PRO A 63 -22.24 14.71 9.96
N ALA A 64 -21.15 14.72 10.71
CA ALA A 64 -20.95 13.72 11.75
C ALA A 64 -22.20 13.59 12.61
N LYS A 65 -22.71 12.36 12.73
CA LYS A 65 -23.90 12.13 13.54
C LYS A 65 -23.69 12.66 14.95
N GLY A 66 -22.55 12.34 15.54
CA GLY A 66 -22.11 12.98 16.75
C GLY A 66 -21.14 14.11 16.45
N ALA A 67 -20.43 14.53 17.48
CA ALA A 67 -19.40 15.55 17.30
C ALA A 67 -18.16 14.91 16.67
N ALA A 68 -17.55 15.63 15.73
CA ALA A 68 -16.40 15.12 15.01
C ALA A 68 -15.11 15.61 15.66
N ASP A 69 -14.12 14.72 15.72
CA ASP A 69 -12.83 15.09 16.31
C ASP A 69 -12.09 16.08 15.40
N THR A 70 -12.20 15.90 14.09
CA THR A 70 -11.54 16.77 13.13
C THR A 70 -12.44 16.94 11.91
N THR A 71 -12.37 18.12 11.30
CA THR A 71 -13.10 18.44 10.09
C THR A 71 -12.10 18.93 9.05
N ILE A 72 -12.23 18.41 7.83
CA ILE A 72 -11.33 18.76 6.72
C ILE A 72 -12.17 19.36 5.61
N ILE A 73 -11.68 20.47 5.04
CA ILE A 73 -12.38 21.19 3.99
C ILE A 73 -11.43 21.39 2.83
N LEU A 74 -11.84 20.96 1.64
CA LEU A 74 -11.02 21.09 0.44
C LEU A 74 -11.91 20.88 -0.77
N SER A 75 -11.46 21.41 -1.91
CA SER A 75 -12.23 21.27 -3.13
C SER A 75 -12.27 19.80 -3.56
N ASP A 76 -13.28 19.47 -4.37
CA ASP A 76 -13.41 18.11 -4.87
C ASP A 76 -12.19 17.70 -5.68
N GLU A 77 -11.72 18.59 -6.57
CA GLU A 77 -10.55 18.28 -7.37
C GLU A 77 -9.33 18.06 -6.50
N ASP A 78 -9.08 18.97 -5.55
CA ASP A 78 -7.91 18.82 -4.67
C ASP A 78 -8.00 17.53 -3.85
N PHE A 79 -9.20 17.17 -3.41
CA PHE A 79 -9.36 15.90 -2.70
C PHE A 79 -8.86 14.74 -3.55
N MET A 80 -9.16 14.77 -4.86
CA MET A 80 -8.64 13.73 -5.75
C MET A 80 -7.13 13.82 -5.86
N GLU A 81 -6.59 15.04 -5.94
CA GLU A 81 -5.13 15.20 -5.97
C GLU A 81 -4.48 14.53 -4.77
N VAL A 82 -5.14 14.61 -3.60
CA VAL A 82 -4.55 14.07 -2.38
C VAL A 82 -4.61 12.55 -2.36
N VAL A 83 -5.80 11.99 -2.62
CA VAL A 83 -5.95 10.54 -2.57
C VAL A 83 -5.12 9.85 -3.64
N LEU A 84 -4.75 10.54 -4.70
CA LEU A 84 -3.90 9.98 -5.75
C LEU A 84 -2.41 10.14 -5.45
N GLY A 85 -2.06 10.72 -4.30
CA GLY A 85 -0.68 10.89 -3.92
C GLY A 85 0.05 12.04 -4.58
N LYS A 86 -0.66 12.86 -5.36
CA LYS A 86 0.00 13.95 -6.08
C LYS A 86 0.16 15.19 -5.21
N LEU A 87 -0.69 15.36 -4.21
CA LEU A 87 -0.73 16.57 -3.38
C LEU A 87 -0.61 16.16 -1.93
N ASP A 88 0.54 16.45 -1.33
CA ASP A 88 0.73 16.15 0.09
C ASP A 88 -0.28 16.94 0.92
N PRO A 89 -0.91 16.31 1.93
CA PRO A 89 -1.90 17.05 2.72
C PRO A 89 -1.33 18.28 3.41
N GLN A 90 -0.11 18.20 3.91
CA GLN A 90 0.46 19.33 4.63
C GLN A 90 0.81 20.46 3.68
N LYS A 91 1.29 20.12 2.48
CA LYS A 91 1.52 21.14 1.47
C LYS A 91 0.22 21.84 1.09
N ALA A 92 -0.86 21.07 0.96
CA ALA A 92 -2.16 21.67 0.68
C ALA A 92 -2.63 22.53 1.86
N PHE A 93 -2.36 22.08 3.09
CA PHE A 93 -2.81 22.82 4.25
C PHE A 93 -2.15 24.19 4.33
N PHE A 94 -0.84 24.26 4.05
CA PHE A 94 -0.10 25.50 4.21
C PHE A 94 -0.12 26.38 2.96
N SER A 95 -0.54 25.84 1.82
CA SER A 95 -0.84 26.68 0.67
C SER A 95 -2.26 27.23 0.72
N GLY A 96 -3.12 26.67 1.57
CA GLY A 96 -4.47 27.15 1.75
C GLY A 96 -5.53 26.32 1.07
N ARG A 97 -5.15 25.34 0.24
CA ARG A 97 -6.12 24.56 -0.51
C ARG A 97 -6.84 23.55 0.36
N LEU A 98 -6.19 23.05 1.40
CA LEU A 98 -6.80 22.19 2.38
C LEU A 98 -6.95 22.94 3.69
N LYS A 99 -8.11 22.82 4.31
CA LYS A 99 -8.38 23.43 5.60
C LYS A 99 -8.75 22.33 6.58
N ALA A 100 -8.26 22.45 7.81
CA ALA A 100 -8.46 21.44 8.83
C ALA A 100 -8.81 22.14 10.13
N ARG A 101 -9.83 21.62 10.81
CA ARG A 101 -10.28 22.16 12.09
C ARG A 101 -10.40 21.04 13.10
N GLY A 102 -10.06 21.33 14.34
CA GLY A 102 -10.13 20.35 15.40
C GLY A 102 -8.77 19.84 15.80
N ASN A 103 -8.59 18.52 15.82
CA ASN A 103 -7.31 17.91 16.14
C ASN A 103 -6.63 17.56 14.83
N ILE A 104 -5.80 18.49 14.35
CA ILE A 104 -5.07 18.28 13.11
C ILE A 104 -4.19 17.04 13.22
N MET A 105 -3.53 16.87 14.38
CA MET A 105 -2.62 15.74 14.55
C MET A 105 -3.31 14.42 14.28
N LEU A 106 -4.61 14.31 14.58
CA LEU A 106 -5.31 13.05 14.38
C LEU A 106 -5.51 12.75 12.89
N SER A 107 -5.58 13.79 12.05
CA SER A 107 -5.69 13.56 10.62
C SER A 107 -4.35 13.16 10.04
N GLN A 108 -3.26 13.76 10.53
CA GLN A 108 -1.95 13.34 10.10
C GLN A 108 -1.70 11.88 10.48
N LYS A 109 -2.32 11.42 11.56
CA LYS A 109 -2.28 10.01 11.87
C LYS A 109 -3.02 9.21 10.82
N LEU A 110 -4.31 9.48 10.63
CA LEU A 110 -5.15 8.76 9.68
C LEU A 110 -4.43 8.60 8.34
C9 BP5 A 111 -1.50 11.15 5.45
C8 BP5 A 111 -2.23 11.36 4.29
C7 BP5 A 111 -1.55 11.56 3.11
C6 BP5 A 111 -0.16 11.53 3.12
C5 BP5 A 111 2.09 12.09 -0.38
C4 BP5 A 111 2.69 11.87 0.85
C3 BP5 A 111 0.60 11.73 1.88
C2 BP5 A 111 -0.04 11.95 0.68
C1 BP5 A 111 0.70 12.13 -0.47
C12 BP5 A 111 -2.21 10.94 6.75
C11 BP5 A 111 -0.11 11.13 5.41
N1 BP5 A 111 1.95 11.69 1.96
N2 BP5 A 111 0.54 11.32 4.25
CA BP5 A 111 -2.70 9.51 6.90
C BP5 A 111 -1.57 8.53 6.94
O BP5 A 111 -1.43 7.74 5.98
N BP5 A 111 -3.47 9.48 8.12
N MET A 112 -0.76 8.56 7.99
CA MET A 112 0.32 7.59 8.14
C MET A 112 -0.27 6.18 8.11
N ILE A 113 -1.32 5.98 8.91
CA ILE A 113 -1.90 4.63 9.05
C ILE A 113 -2.25 4.09 7.67
N LEU A 114 -3.09 4.81 6.93
CA LEU A 114 -3.64 4.30 5.69
C LEU A 114 -2.63 4.24 4.56
N LYS A 115 -1.47 4.86 4.70
CA LYS A 115 -0.41 4.70 3.73
C LYS A 115 0.39 3.42 3.94
N ASP A 116 0.18 2.72 5.06
CA ASP A 116 0.82 1.44 5.34
C ASP A 116 -0.27 0.38 5.36
N TYR A 117 -0.71 -0.03 4.16
CA TYR A 117 -1.82 -0.96 4.04
C TYR A 117 -1.45 -2.36 4.52
N ALA A 118 -0.17 -2.74 4.43
CA ALA A 118 0.22 -4.12 4.71
C ALA A 118 -0.01 -4.47 6.18
N LYS A 119 0.42 -3.60 7.10
CA LYS A 119 0.33 -3.90 8.51
C LYS A 119 -1.10 -4.15 8.94
N LEU A 120 -2.01 -3.25 8.57
CA LEU A 120 -3.37 -3.33 9.08
C LEU A 120 -4.20 -4.40 8.36
N GLY A 121 -3.94 -4.63 7.06
CA GLY A 121 -4.63 -5.69 6.36
C GLY A 121 -4.34 -7.07 6.94
N SER A 122 -3.06 -7.33 7.22
CA SER A 122 -2.69 -8.62 7.79
C SER A 122 -3.17 -8.74 9.24
N GLU A 123 -3.05 -7.66 10.01
CA GLU A 123 -3.55 -7.68 11.38
C GLU A 123 -5.06 -7.85 11.43
N ASN A 124 -5.75 -7.63 10.31
CA ASN A 124 -7.19 -7.86 10.22
C ASN A 124 -7.53 -9.28 9.79
N LEU A 125 -6.55 -10.18 9.78
CA LEU A 125 -6.79 -11.58 9.46
C LEU A 125 -7.15 -12.34 10.73
N TYR A 126 -8.10 -13.26 10.62
CA TYR A 126 -8.50 -14.04 11.78
C TYR A 126 -7.70 -15.34 11.90
N PHE A 127 -7.55 -16.05 10.79
CA PHE A 127 -6.84 -17.34 10.75
C PHE A 127 -6.72 -18.03 12.10
N LYS B 5 2.97 -8.14 13.19
CA LYS B 5 3.37 -7.44 11.97
C LYS B 5 3.77 -8.44 10.88
N LEU B 6 4.42 -7.93 9.83
CA LEU B 6 4.88 -8.74 8.71
C LEU B 6 6.38 -8.57 8.56
N GLN B 7 7.13 -9.68 8.66
CA GLN B 7 8.57 -9.61 8.44
C GLN B 7 8.89 -9.25 7.00
N SER B 8 8.03 -9.65 6.05
CA SER B 8 8.29 -9.34 4.65
C SER B 8 8.25 -7.84 4.38
N THR B 9 7.43 -7.11 5.13
CA THR B 9 7.31 -5.67 4.91
C THR B 9 8.69 -5.02 4.87
N PHE B 10 9.53 -5.33 5.85
CA PHE B 10 10.83 -4.68 5.93
C PHE B 10 11.73 -5.07 4.76
N VAL B 11 11.75 -6.35 4.41
CA VAL B 11 12.60 -6.80 3.31
C VAL B 11 12.25 -6.04 2.04
N PHE B 12 10.96 -5.95 1.71
CA PHE B 12 10.55 -5.18 0.55
C PHE B 12 11.07 -3.75 0.63
N GLU B 13 11.04 -3.15 1.82
CA GLU B 13 11.55 -1.79 1.98
C GLU B 13 13.05 -1.73 1.76
N GLU B 14 13.78 -2.74 2.24
CA GLU B 14 15.22 -2.78 2.00
C GLU B 14 15.53 -2.89 0.51
N ILE B 15 14.72 -3.68 -0.21
CA ILE B 15 14.91 -3.80 -1.65
C ILE B 15 14.77 -2.45 -2.33
N GLY B 16 13.77 -1.67 -1.92
CA GLY B 16 13.59 -0.35 -2.49
C GLY B 16 14.81 0.53 -2.32
N ARG B 17 15.45 0.46 -1.15
CA ARG B 17 16.68 1.20 -0.94
C ARG B 17 17.80 0.65 -1.82
N ARG B 18 17.83 -0.66 -2.03
CA ARG B 18 18.89 -1.26 -2.83
C ARG B 18 18.74 -0.93 -4.30
N LEU B 19 17.51 -0.91 -4.81
CA LEU B 19 17.30 -0.66 -6.23
C LEU B 19 17.74 0.73 -6.63
N LYS B 20 17.77 1.67 -5.69
CA LYS B 20 18.30 3.00 -5.99
C LYS B 20 19.79 2.97 -6.29
N ASP B 21 20.48 1.89 -5.94
CA ASP B 21 21.92 1.78 -6.15
C ASP B 21 22.32 0.72 -7.17
N ILE B 22 21.47 -0.26 -7.44
CA ILE B 22 21.80 -1.30 -8.42
C ILE B 22 20.66 -1.51 -9.42
N GLY B 23 19.66 -0.63 -9.39
CA GLY B 23 18.44 -0.83 -10.15
C GLY B 23 18.60 -0.90 -11.67
N PRO B 24 19.08 0.19 -12.27
CA PRO B 24 19.27 0.23 -13.72
C PRO B 24 19.93 -1.01 -14.27
N GLU B 25 20.84 -1.62 -13.52
CA GLU B 25 21.46 -2.86 -13.97
C GLU B 25 20.43 -3.97 -14.05
N VAL B 26 19.62 -4.12 -13.00
CA VAL B 26 18.69 -5.25 -12.95
C VAL B 26 17.65 -5.14 -14.06
N VAL B 27 17.04 -3.96 -14.20
CA VAL B 27 15.98 -3.78 -15.20
C VAL B 27 16.48 -4.18 -16.59
N LYS B 28 17.75 -3.89 -16.89
CA LYS B 28 18.31 -4.27 -18.18
C LYS B 28 18.15 -5.77 -18.41
N LYS B 29 18.21 -6.56 -17.35
CA LYS B 29 18.17 -8.01 -17.45
C LYS B 29 16.76 -8.56 -17.33
N VAL B 30 15.89 -7.87 -16.60
CA VAL B 30 14.54 -8.36 -16.32
C VAL B 30 13.51 -7.63 -17.17
N ASN B 31 13.50 -6.30 -17.11
CA ASN B 31 12.52 -5.51 -17.86
C ASN B 31 11.12 -6.07 -17.64
N ALA B 32 10.67 -6.03 -16.39
CA ALA B 32 9.43 -6.70 -16.06
C ALA B 32 8.88 -6.15 -14.75
N VAL B 33 7.63 -6.52 -14.47
CA VAL B 33 6.93 -6.09 -13.27
C VAL B 33 6.46 -7.33 -12.53
N PHE B 34 6.77 -7.41 -11.24
CA PHE B 34 6.47 -8.56 -10.41
C PHE B 34 5.58 -8.12 -9.25
N GLU B 35 4.41 -8.74 -9.13
CA GLU B 35 3.53 -8.54 -8.00
C GLU B 35 3.75 -9.66 -6.99
N TRP B 36 3.52 -9.35 -5.72
CA TRP B 36 3.77 -10.28 -4.63
C TRP B 36 2.55 -10.32 -3.72
N HIS B 37 1.98 -11.51 -3.54
CA HIS B 37 0.84 -11.72 -2.65
C HIS B 37 1.38 -12.41 -1.40
N ILE B 38 1.57 -11.64 -0.33
CA ILE B 38 2.08 -12.16 0.93
C ILE B 38 0.88 -12.59 1.77
N THR B 39 0.87 -13.85 2.20
CA THR B 39 -0.24 -14.42 2.95
C THR B 39 0.17 -14.73 4.38
N LYS B 40 -0.79 -14.61 5.28
CA LYS B 40 -0.63 -14.99 6.69
C LYS B 40 -1.86 -15.82 7.06
N GLY B 41 -1.66 -17.13 7.21
CA GLY B 41 -2.75 -18.04 7.47
C GLY B 41 -3.33 -18.68 6.23
N GLY B 42 -2.74 -18.45 5.06
CA GLY B 42 -3.28 -18.93 3.82
C GLY B 42 -4.17 -17.94 3.10
N ASN B 43 -4.27 -16.71 3.61
CA ASN B 43 -5.07 -15.66 3.01
C ASN B 43 -4.24 -14.39 2.95
N ILE B 44 -4.72 -13.40 2.18
CA ILE B 44 -3.90 -12.23 1.87
C ILE B 44 -3.78 -11.32 3.07
N GLY B 45 -2.58 -10.76 3.25
CA GLY B 45 -2.33 -9.79 4.29
C GLY B 45 -1.62 -8.56 3.77
N ALA B 46 -0.89 -8.70 2.66
CA ALA B 46 -0.15 -7.59 2.08
C ALA B 46 0.12 -7.88 0.61
N LYS B 47 0.24 -6.80 -0.16
CA LYS B 47 0.57 -6.87 -1.57
C LYS B 47 1.66 -5.86 -1.88
N TRP B 48 2.63 -6.28 -2.70
CA TRP B 48 3.75 -5.43 -3.08
C TRP B 48 4.00 -5.56 -4.57
N THR B 49 4.71 -4.57 -5.12
CA THR B 49 5.05 -4.57 -6.54
C THR B 49 6.51 -4.17 -6.69
N ILE B 50 7.30 -5.04 -7.29
CA ILE B 50 8.69 -4.73 -7.64
C ILE B 50 8.68 -4.46 -9.14
N ASP B 51 8.46 -3.20 -9.49
CA ASP B 51 8.42 -2.78 -10.89
C ASP B 51 9.85 -2.66 -11.40
N LEU B 52 10.25 -3.57 -12.28
CA LEU B 52 11.59 -3.57 -12.87
C LEU B 52 11.53 -3.45 -14.39
N LYS B 53 10.51 -2.76 -14.87
CA LYS B 53 10.39 -2.39 -16.26
C LYS B 53 10.71 -0.92 -16.48
N SER B 54 10.59 -0.12 -15.42
CA SER B 54 11.07 1.24 -15.43
C SER B 54 12.58 1.24 -15.67
N GLY B 55 13.13 2.43 -15.91
CA GLY B 55 14.55 2.54 -16.14
C GLY B 55 15.37 2.21 -14.91
N SER B 56 14.84 2.46 -13.72
CA SER B 56 15.56 2.24 -12.48
C SER B 56 14.89 1.23 -11.56
N GLY B 57 13.59 1.05 -11.66
CA GLY B 57 12.89 0.14 -10.79
C GLY B 57 12.45 0.80 -9.49
N LYS B 58 11.34 0.31 -8.96
CA LYS B 58 10.79 0.87 -7.73
C LYS B 58 10.00 -0.19 -6.99
N VAL B 59 9.94 -0.04 -5.67
CA VAL B 59 9.13 -0.90 -4.81
C VAL B 59 8.07 -0.02 -4.16
N TYR B 60 6.81 -0.44 -4.26
CA TYR B 60 5.72 0.28 -3.62
C TYR B 60 4.66 -0.71 -3.17
N GLN B 61 3.87 -0.30 -2.19
CA GLN B 61 2.82 -1.14 -1.64
C GLN B 61 1.62 -1.20 -2.59
N GLY B 62 0.77 -2.19 -2.38
CA GLY B 62 -0.47 -2.31 -3.09
C GLY B 62 -0.31 -2.98 -4.44
N PRO B 63 -1.41 -3.10 -5.19
CA PRO B 63 -1.34 -3.71 -6.52
C PRO B 63 -0.47 -2.90 -7.46
N ALA B 64 0.03 -3.57 -8.50
CA ALA B 64 0.86 -2.91 -9.49
C ALA B 64 0.06 -1.86 -10.24
N LYS B 65 0.57 -0.62 -10.25
CA LYS B 65 -0.12 0.45 -10.96
C LYS B 65 -0.38 0.11 -12.42
N GLY B 66 0.38 -0.82 -12.98
CA GLY B 66 0.10 -1.33 -14.31
C GLY B 66 -0.18 -2.82 -14.27
N ALA B 67 -0.03 -3.50 -15.40
CA ALA B 67 -0.16 -4.95 -15.40
C ALA B 67 1.08 -5.58 -14.77
N ALA B 68 0.97 -6.85 -14.43
CA ALA B 68 2.03 -7.60 -13.77
C ALA B 68 2.39 -8.81 -14.62
N ASP B 69 3.67 -8.93 -14.97
CA ASP B 69 4.10 -10.07 -15.75
C ASP B 69 4.07 -11.36 -14.93
N THR B 70 4.22 -11.26 -13.61
CA THR B 70 4.26 -12.45 -12.77
C THR B 70 3.85 -12.06 -11.36
N THR B 71 2.86 -12.76 -10.82
CA THR B 71 2.39 -12.56 -9.46
C THR B 71 2.80 -13.78 -8.64
N ILE B 72 3.68 -13.56 -7.66
CA ILE B 72 4.18 -14.62 -6.80
C ILE B 72 3.37 -14.60 -5.50
N ILE B 73 2.89 -15.78 -5.10
CA ILE B 73 2.04 -15.92 -3.93
C ILE B 73 2.71 -16.87 -2.96
N LEU B 74 2.94 -16.41 -1.73
CA LEU B 74 3.62 -17.21 -0.73
C LEU B 74 3.35 -16.61 0.64
N SER B 75 3.48 -17.45 1.67
CA SER B 75 3.29 -16.99 3.04
C SER B 75 4.38 -15.99 3.41
N ASP B 76 4.11 -15.20 4.45
CA ASP B 76 5.07 -14.20 4.88
C ASP B 76 6.37 -14.86 5.33
N GLU B 77 6.27 -15.94 6.12
CA GLU B 77 7.47 -16.56 6.65
C GLU B 77 8.23 -17.32 5.58
N ASP B 78 7.52 -17.88 4.60
CA ASP B 78 8.20 -18.54 3.50
C ASP B 78 9.00 -17.55 2.67
N PHE B 79 8.44 -16.38 2.42
CA PHE B 79 9.23 -15.31 1.81
C PHE B 79 10.50 -15.07 2.61
N MET B 80 10.40 -15.11 3.95
CA MET B 80 11.57 -14.89 4.76
C MET B 80 12.53 -16.07 4.70
N GLU B 81 12.01 -17.29 4.59
CA GLU B 81 12.88 -18.44 4.42
C GLU B 81 13.59 -18.40 3.08
N VAL B 82 13.00 -17.75 2.09
CA VAL B 82 13.62 -17.66 0.77
C VAL B 82 14.74 -16.62 0.77
N VAL B 83 14.42 -15.39 1.19
CA VAL B 83 15.44 -14.34 1.21
C VAL B 83 16.57 -14.70 2.16
N LEU B 84 16.28 -15.42 3.24
CA LEU B 84 17.31 -15.89 4.15
C LEU B 84 18.10 -17.06 3.59
N GLY B 85 17.65 -17.65 2.48
CA GLY B 85 18.38 -18.72 1.84
C GLY B 85 18.07 -20.11 2.33
N LYS B 86 17.09 -20.27 3.23
CA LYS B 86 16.75 -21.57 3.79
C LYS B 86 15.66 -22.30 3.01
N LEU B 87 15.34 -21.84 1.80
CA LEU B 87 14.23 -22.41 1.04
C LEU B 87 14.46 -22.19 -0.45
N ASP B 88 14.45 -23.28 -1.21
CA ASP B 88 14.59 -23.19 -2.66
C ASP B 88 13.22 -22.88 -3.26
N PRO B 89 13.08 -21.80 -4.04
CA PRO B 89 11.74 -21.47 -4.56
C PRO B 89 11.12 -22.57 -5.39
N GLN B 90 11.89 -23.19 -6.29
CA GLN B 90 11.35 -24.31 -7.06
C GLN B 90 10.88 -25.42 -6.13
N LYS B 91 11.66 -25.71 -5.08
CA LYS B 91 11.22 -26.68 -4.09
C LYS B 91 9.86 -26.28 -3.52
N ALA B 92 9.72 -25.03 -3.11
CA ALA B 92 8.49 -24.57 -2.49
C ALA B 92 7.31 -24.66 -3.45
N PHE B 93 7.54 -24.31 -4.72
CA PHE B 93 6.45 -24.33 -5.69
C PHE B 93 5.77 -25.69 -5.72
N PHE B 94 6.53 -26.73 -6.02
CA PHE B 94 5.95 -28.07 -6.11
C PHE B 94 5.47 -28.54 -4.75
N SER B 95 6.07 -28.05 -3.67
CA SER B 95 5.59 -28.35 -2.33
C SER B 95 4.24 -27.74 -2.04
N GLY B 96 3.67 -26.97 -2.97
CA GLY B 96 2.41 -26.29 -2.75
C GLY B 96 2.50 -25.05 -1.92
N ARG B 97 3.68 -24.72 -1.39
CA ARG B 97 3.86 -23.55 -0.53
C ARG B 97 4.02 -22.25 -1.31
N LEU B 98 4.21 -22.33 -2.63
CA LEU B 98 4.36 -21.14 -3.44
C LEU B 98 3.63 -21.32 -4.77
N LYS B 99 2.93 -20.28 -5.18
CA LYS B 99 2.16 -20.28 -6.41
C LYS B 99 2.56 -19.07 -7.24
N ALA B 100 2.37 -19.17 -8.55
CA ALA B 100 2.78 -18.11 -9.45
C ALA B 100 1.77 -17.97 -10.58
N ARG B 101 1.43 -16.72 -10.88
CA ARG B 101 0.61 -16.37 -12.02
C ARG B 101 1.48 -15.68 -13.07
N GLY B 102 0.96 -15.63 -14.29
CA GLY B 102 1.72 -15.03 -15.37
C GLY B 102 2.84 -15.93 -15.83
N ASN B 103 4.03 -15.36 -16.04
CA ASN B 103 5.16 -16.13 -16.54
C ASN B 103 6.01 -16.63 -15.38
N ILE B 104 6.08 -17.95 -15.24
CA ILE B 104 6.94 -18.54 -14.21
C ILE B 104 8.38 -18.22 -14.53
N MET B 105 8.74 -18.33 -15.80
CA MET B 105 10.12 -18.17 -16.23
C MET B 105 10.67 -16.82 -15.80
N LEU B 106 9.84 -15.78 -15.88
CA LEU B 106 10.31 -14.46 -15.49
C LEU B 106 10.61 -14.42 -14.00
N SER B 107 9.79 -15.09 -13.19
CA SER B 107 10.08 -15.15 -11.76
C SER B 107 11.36 -15.91 -11.50
N GLN B 108 11.58 -17.02 -12.21
CA GLN B 108 12.84 -17.75 -12.07
C GLN B 108 14.02 -16.85 -12.42
N LYS B 109 13.87 -16.01 -13.44
CA LYS B 109 14.94 -15.09 -13.81
C LYS B 109 15.25 -14.13 -12.66
N LEU B 110 14.23 -13.49 -12.11
CA LEU B 110 14.41 -12.56 -11.00
C LEU B 110 15.17 -13.24 -9.87
C9 BP5 B 111 15.51 -17.47 -7.44
C8 BP5 B 111 15.45 -17.08 -6.11
C7 BP5 B 111 16.06 -17.87 -5.14
C6 BP5 B 111 16.72 -19.03 -5.53
C5 BP5 B 111 18.61 -21.49 -2.65
C4 BP5 B 111 18.63 -21.81 -4.01
C3 BP5 B 111 17.38 -19.89 -4.52
C2 BP5 B 111 17.34 -19.53 -3.17
C1 BP5 B 111 17.97 -20.34 -2.23
C12 BP5 B 111 14.85 -16.63 -8.51
C11 BP5 B 111 16.17 -18.64 -7.78
N1 BP5 B 111 18.02 -21.01 -4.91
N2 BP5 B 111 16.77 -19.39 -6.83
CA BP5 B 111 15.56 -15.31 -8.66
C BP5 B 111 17.02 -15.51 -8.98
O BP5 B 111 17.87 -15.34 -8.09
N BP5 B 111 14.92 -14.54 -9.70
N MET B 112 17.32 -15.87 -10.22
CA MET B 112 18.70 -16.14 -10.60
C MET B 112 19.47 -14.84 -10.69
N ILE B 113 18.79 -13.73 -10.91
CA ILE B 113 19.46 -12.43 -10.95
C ILE B 113 19.88 -12.03 -9.54
N LEU B 114 18.93 -11.94 -8.63
CA LEU B 114 19.25 -11.54 -7.27
C LEU B 114 19.98 -12.62 -6.49
N LYS B 115 19.95 -13.87 -6.97
CA LYS B 115 20.81 -14.89 -6.39
C LYS B 115 22.26 -14.66 -6.80
N ASP B 116 22.50 -14.34 -8.07
CA ASP B 116 23.84 -13.93 -8.49
C ASP B 116 24.25 -12.64 -7.81
N TYR B 117 23.28 -11.82 -7.41
CA TYR B 117 23.61 -10.57 -6.71
C TYR B 117 24.19 -10.86 -5.33
N ALA B 118 23.59 -11.79 -4.59
CA ALA B 118 24.10 -12.12 -3.26
C ALA B 118 25.52 -12.66 -3.33
N LYS B 119 25.83 -13.42 -4.38
CA LYS B 119 27.17 -13.97 -4.51
C LYS B 119 28.19 -12.87 -4.76
N LEU B 120 27.80 -11.82 -5.47
CA LEU B 120 28.65 -10.66 -5.67
C LEU B 120 28.74 -9.78 -4.43
N GLY B 121 28.32 -10.29 -3.27
CA GLY B 121 28.42 -9.56 -2.02
C GLY B 121 27.09 -9.12 -1.45
N GLU B 123 28.46 -5.96 -2.43
CA GLU B 123 27.02 -6.01 -2.69
C GLU B 123 26.69 -5.32 -4.02
N ASN B 124 26.80 -4.00 -4.02
CA ASN B 124 26.47 -3.20 -5.18
C ASN B 124 27.63 -3.26 -6.18
N LEU B 125 27.46 -2.57 -7.31
CA LEU B 125 28.45 -2.59 -8.37
C LEU B 125 28.66 -4.00 -8.93
N TYR B 126 27.67 -4.87 -8.75
CA TYR B 126 27.75 -6.21 -9.30
C TYR B 126 27.68 -6.15 -10.83
N PHE B 127 28.38 -7.08 -11.47
CA PHE B 127 28.45 -7.06 -12.93
C PHE B 127 29.22 -8.29 -13.39
N GLN B 128 28.96 -8.69 -14.63
CA GLN B 128 29.64 -9.82 -15.26
C GLN B 128 29.07 -11.14 -14.75
C25 TRT C . 0.13 20.23 11.81
O24 TRT C . 0.03 19.84 10.46
C23 TRT C . -0.12 20.93 9.57
C22 TRT C . -0.69 20.40 8.24
O21 TRT C . -1.97 19.83 8.48
C20 TRT C . -2.38 18.87 7.54
C19 TRT C . -3.75 18.32 7.97
O18 TRT C . -4.10 17.21 7.19
C17 TRT C . -5.37 17.29 6.60
C16 TRT C . -5.95 15.89 6.45
O15 TRT C . -4.90 14.99 6.20
C12 TRT C . -5.35 13.81 5.58
C13 TRT C . -5.36 13.73 4.19
C14 TRT C . -5.82 12.57 3.57
C11 TRT C . -5.79 12.76 6.35
C10 TRT C . -6.25 11.60 5.73
C9 TRT C . -6.25 11.50 4.35
C6 TRT C . -6.79 10.18 3.70
C8 TRT C . -6.41 9.01 4.62
C7 TRT C . -6.20 9.96 2.28
C5 TRT C . -8.35 10.46 3.66
C1 TRT C . -9.29 9.39 2.94
C2 TRT C . -8.83 7.96 3.10
C4 TRT C . -9.44 9.72 1.45
C3 TRT C . -10.68 9.58 3.62
H251 TRT C . 0.94 20.75 11.94
H252 TRT C . -0.65 20.76 12.05
H253 TRT C . 0.15 19.44 12.37
H231 TRT C . 0.74 21.35 9.41
H232 TRT C . -0.74 21.58 9.96
H221 TRT C . -0.78 21.13 7.60
H222 TRT C . -0.10 19.72 7.87
H201 TRT C . -2.45 19.27 6.66
H202 TRT C . -1.73 18.14 7.51
H191 TRT C . -3.72 18.06 8.90
H192 TRT C . -4.42 19.01 7.85
H171 TRT C . -5.30 17.71 5.74
H172 TRT C . -5.95 17.83 7.17
H161 TRT C . -6.57 15.87 5.71
H162 TRT C . -6.41 15.63 7.27
H13 TRT C . -5.06 14.44 3.68
H14 TRT C . -5.84 12.51 2.64
H11 TRT C . -5.79 12.83 7.27
H10 TRT C . -6.56 10.89 6.25
H8C1 TRT C . -7.01 8.97 5.38
H8C2 TRT C . -6.46 8.17 4.13
H8C3 TRT C . -5.49 9.14 4.93
H7C1 TRT C . -6.81 10.32 1.63
H7C2 TRT C . -5.35 10.42 2.23
H7C3 TRT C . -6.08 9.02 2.13
H5C1 TRT C . -8.48 11.31 3.22
H5C2 TRT C . -8.65 10.53 4.58
H2C1 TRT C . -8.77 7.75 4.05
H2C2 TRT C . -9.46 7.36 2.67
H2C3 TRT C . -7.95 7.86 2.68
H4C1 TRT C . -9.20 8.94 0.92
H4C2 TRT C . -10.37 9.96 1.26
H4C3 TRT C . -8.86 10.46 1.21
H3C1 TRT C . -11.35 9.08 3.12
H3C2 TRT C . -10.63 9.24 4.53
H3C3 TRT C . -10.91 10.51 3.63
C25 TRT D . -1.50 1.38 -1.96
O24 TRT D . -1.93 0.68 -0.83
C23 TRT D . -3.33 0.46 -0.78
C22 TRT D . -3.65 -0.89 -1.46
O21 TRT D . -4.97 -0.90 -1.99
C20 TRT D . -5.16 -0.04 -3.10
C19 TRT D . -6.06 -0.73 -4.15
O18 TRT D . -6.74 0.26 -4.88
C17 TRT D . -6.09 0.71 -6.06
C16 TRT D . -5.41 2.05 -5.80
O15 TRT D . -6.33 3.10 -5.94
C12 TRT D . -6.77 3.64 -4.71
C13 TRT D . -6.03 4.62 -4.06
C14 TRT D . -6.48 5.15 -2.85
C11 TRT D . -7.95 3.17 -4.14
C10 TRT D . -8.39 3.69 -2.93
C9 TRT D . -7.66 4.67 -2.28
C6 TRT D . -8.15 5.27 -0.90
C8 TRT D . -9.59 4.82 -0.57
C7 TRT D . -8.18 6.80 -1.09
C5 TRT D . -7.13 4.97 0.28
C1 TRT D . -7.20 3.50 0.91
C2 TRT D . -8.40 3.34 1.82
C4 TRT D . -5.94 3.34 1.78
C3 TRT D . -7.19 2.39 -0.16
H251 TRT D . -0.54 1.31 -2.04
H252 TRT D . -1.92 1.01 -2.75
H253 TRT D . -1.76 2.32 -1.88
H231 TRT D . -3.63 0.44 0.13
H232 TRT D . -3.79 1.18 -1.26
H221 TRT D . -3.02 -1.05 -2.18
H222 TRT D . -3.57 -1.60 -0.79
H201 TRT D . -4.30 0.16 -3.49
H202 TRT D . -5.58 0.78 -2.80
H191 TRT D . -6.71 -1.29 -3.70
H192 TRT D . -5.53 -1.26 -4.75
H171 TRT D . -6.75 0.81 -6.76
H172 TRT D . -5.43 0.05 -6.34
H161 TRT D . -4.68 2.17 -6.43
H162 TRT D . -5.05 2.05 -4.89
H13 TRT D . -5.25 4.94 -4.44
H14 TRT D . -5.99 5.80 -2.42
H11 TRT D . -8.44 2.50 -4.57
H10 TRT D . -9.19 3.38 -2.55
H8C1 TRT D . -9.62 3.85 -0.57
H8C2 TRT D . -10.19 5.15 -1.25
H8C3 TRT D . -9.83 5.16 0.29
H7C1 TRT D . -7.31 7.17 -0.86
H7C2 TRT D . -8.40 7.01 -2.01
H7C3 TRT D . -8.86 7.18 -0.50
H5C1 TRT D . -7.31 5.61 0.99
H5C2 TRT D . -6.24 5.10 -0.06
H2C1 TRT D . -9.10 2.87 1.35
H2C2 TRT D . -8.15 2.83 2.60
H2C3 TRT D . -8.72 4.22 2.10
H4C1 TRT D . -5.96 2.46 2.22
H4C2 TRT D . -5.91 4.03 2.45
H4C3 TRT D . -5.15 3.39 1.22
H3C1 TRT D . -6.49 2.57 -0.81
H3C2 TRT D . -7.03 1.53 0.26
H3C3 TRT D . -8.05 2.37 -0.61
S SO4 E . -13.08 22.75 -7.69
O1 SO4 E . -11.64 22.97 -7.63
O2 SO4 E . -13.36 21.32 -7.60
O3 SO4 E . -13.72 23.44 -6.56
O4 SO4 E . -13.60 23.29 -8.95
CU CU F . 2.53 11.34 3.90
C25 TRT G . 10.04 -24.41 -12.90
O24 TRT G . 9.59 -24.22 -11.59
C23 TRT G . 8.60 -23.22 -11.50
C22 TRT G . 8.21 -22.96 -10.04
O21 TRT G . 9.21 -22.19 -9.39
C20 TRT G . 8.80 -20.89 -8.98
C19 TRT G . 10.09 -20.06 -8.79
O18 TRT G . 9.81 -18.74 -8.43
C17 TRT G . 10.87 -17.87 -8.77
C16 TRT G . 11.56 -17.39 -7.49
O15 TRT G . 10.69 -16.51 -6.81
C12 TRT G . 11.38 -15.56 -6.03
C13 TRT G . 11.32 -15.61 -4.64
C14 TRT G . 12.01 -14.68 -3.89
C11 TRT G . 12.14 -14.59 -6.66
C10 TRT G . 12.83 -13.65 -5.90
C9 TRT G . 12.76 -13.70 -4.52
C6 TRT G . 13.54 -12.65 -3.65
C8 TRT G . 12.66 -12.23 -2.47
C7 TRT G . 13.78 -11.37 -4.48
C5 TRT G . 14.84 -13.39 -3.09
C1 TRT G . 16.23 -13.11 -3.82
C2 TRT G . 16.17 -13.53 -5.28
C4 TRT G . 17.30 -13.96 -3.13
C3 TRT G . 16.64 -11.63 -3.61
H251 TRT G . 10.86 -24.94 -12.90
H252 TRT G . 9.36 -24.88 -13.41
H253 TRT G . 10.21 -23.55 -13.31
H231 TRT G . 8.95 -22.39 -11.88
H232 TRT G . 7.82 -23.50 -11.99
H221 TRT G . 7.37 -22.48 -10.01
H222 TRT G . 8.12 -23.81 -9.57
H201 TRT G . 8.24 -20.49 -9.66
H202 TRT G . 8.32 -20.95 -8.15
H191 TRT G . 10.59 -20.06 -9.61
H192 TRT G . 10.63 -20.45 -8.09
H171 TRT G . 10.53 -17.11 -9.26
H172 TRT G . 11.51 -18.33 -9.33
H161 TRT G . 12.39 -16.92 -7.71
H162 TRT G . 11.77 -18.15 -6.92
H13 TRT G . 10.81 -16.28 -4.22
H14 TRT G . 11.96 -14.72 -2.96
H11 TRT G . 12.18 -14.56 -7.59
H10 TRT G . 13.34 -12.99 -6.33
H8C1 TRT G . 12.50 -13.00 -1.89
H8C2 TRT G . 13.12 -11.54 -1.96
H8C3 TRT G . 11.82 -11.90 -2.80
H7C1 TRT G . 14.38 -11.55 -5.21
H7C2 TRT G . 12.93 -11.06 -4.83
H7C3 TRT G . 14.16 -10.68 -3.91
H5C1 TRT G . 14.66 -14.35 -3.14
H5C2 TRT G . 14.93 -13.13 -2.16
H2C1 TRT G . 15.66 -14.36 -5.35
H2C2 TRT G . 15.73 -12.84 -5.80
H2C3 TRT G . 17.07 -13.68 -5.61
H4C1 TRT G . 17.70 -13.46 -2.40
H4C2 TRT G . 16.89 -14.77 -2.78
H4C3 TRT G . 17.99 -14.20 -3.77
H3C1 TRT G . 16.23 -11.28 -2.80
H3C2 TRT G . 17.60 -11.57 -3.53
H3C3 TRT G . 16.35 -11.11 -4.38
S SO4 H . -2.53 -18.06 -14.81
O1 SO4 H . -2.77 -18.24 -16.24
O2 SO4 H . -1.16 -18.48 -14.49
O3 SO4 H . -3.48 -18.87 -14.05
O4 SO4 H . -2.70 -16.65 -14.46
CU CU I . 17.79 -21.09 -6.92
#